data_1ST8
#
_entry.id   1ST8
#
_cell.length_a   139.830
_cell.length_b   139.830
_cell.length_c   181.940
_cell.angle_alpha   90.00
_cell.angle_beta   90.00
_cell.angle_gamma   90.00
#
_symmetry.space_group_name_H-M   'P 41 21 2'
#
loop_
_entity.id
_entity.type
_entity.pdbx_description
1 polymer 'fructan 1-exohydrolase IIa'
2 branched alpha-D-mannopyranose-(1-4)-2-acetamido-2-deoxy-beta-D-glucopyranose-(1-4)-2-acetamido-2-deoxy-beta-D-glucopyranose
3 branched 2-acetamido-2-deoxy-beta-D-glucopyranose-(1-4)-2-acetamido-2-deoxy-beta-D-glucopyranose
4 non-polymer GLYCEROL
5 water water
#
_entity_poly.entity_id   1
_entity_poly.type   'polypeptide(L)'
_entity_poly.pdbx_seq_one_letter_code
;QQIEQPYRTGYHFQPPSNWMNDPNGPMLYQGVYHFFYQYNPYAATFGDVIIWGHAVSYDLVNWIHLDPAIYPTQEADSKS
CWSGSATILPGNIPAMLYTGSDSKSRQVQDLAWPKNLSDPFLREWVKHPKNPLITPPEGVKDDCFRDPSTAWLGPDGVWR
IVVGGDRDNNGMAFLYQSTDFVNWKRYDQPLSSADATGTWECPDFYPVPLNSTNGLDTSVYGGSVRHVMKAGFEGHDWYT
IGTYSPDRENFLPQNGLSLTGSTLDLRYDYGQFYASKSFFDDAKNRRVLWAWVPETDSQADDIEKGWAGLQSFPRALWID
RNGKQLIQWPVEEIEELRQNQVNLQNKNLKPGSVLEIHGIAASQADVTISFKLEGLKEAEVLDTTLVDPQALCNERGASS
RGALGPFGLLAMASKDLKEQSAIFFRVFQNQLGRYSVLMCSDLSRSTVRSNIDTTSYGAFVDIDPRSEEISLRNLIDHSI
IESFGAGGKTCITSRIYPKFVNNEEAHLFVFNNGTQNVKISEMSAWSMKNAKFVVDQSVKSAA
;
_entity_poly.pdbx_strand_id   A
#
# COMPACT_ATOMS: atom_id res chain seq x y z
N GLN A 2 -18.14 -27.27 3.79
CA GLN A 2 -16.71 -26.84 3.73
C GLN A 2 -16.39 -26.06 2.46
N ILE A 3 -16.07 -24.78 2.64
CA ILE A 3 -15.73 -23.89 1.54
C ILE A 3 -14.24 -24.00 1.22
N GLU A 4 -13.91 -24.13 -0.06
CA GLU A 4 -12.52 -24.24 -0.47
C GLU A 4 -11.80 -22.89 -0.53
N GLN A 5 -10.57 -22.85 -0.01
CA GLN A 5 -9.77 -21.63 -0.02
C GLN A 5 -10.57 -20.39 0.36
N PRO A 6 -11.18 -20.40 1.56
CA PRO A 6 -11.97 -19.26 2.01
C PRO A 6 -11.19 -17.96 2.18
N TYR A 7 -9.86 -18.05 2.24
CA TYR A 7 -9.05 -16.85 2.42
C TYR A 7 -8.56 -16.22 1.13
N ARG A 8 -8.72 -16.90 0.01
CA ARG A 8 -8.30 -16.31 -1.26
C ARG A 8 -9.26 -15.16 -1.53
N THR A 9 -8.74 -14.10 -2.14
CA THR A 9 -9.54 -12.92 -2.44
C THR A 9 -10.27 -13.06 -3.76
N GLY A 10 -11.32 -12.26 -3.94
CA GLY A 10 -12.08 -12.31 -5.17
C GLY A 10 -11.69 -11.24 -6.17
N TYR A 11 -11.16 -10.12 -5.71
CA TYR A 11 -10.76 -9.06 -6.63
C TYR A 11 -9.41 -8.37 -6.33
N HIS A 12 -8.59 -9.00 -5.50
CA HIS A 12 -7.27 -8.45 -5.21
C HIS A 12 -6.27 -9.26 -6.03
N PHE A 13 -5.18 -8.65 -6.45
CA PHE A 13 -4.21 -9.40 -7.23
C PHE A 13 -3.41 -10.35 -6.37
N GLN A 14 -3.21 -11.56 -6.89
CA GLN A 14 -2.41 -12.57 -6.23
C GLN A 14 -2.19 -13.67 -7.26
N PRO A 15 -1.03 -14.34 -7.22
CA PRO A 15 -0.76 -15.41 -8.19
C PRO A 15 -1.62 -16.63 -7.93
N PRO A 16 -1.67 -17.57 -8.90
CA PRO A 16 -2.47 -18.78 -8.72
C PRO A 16 -2.12 -19.46 -7.40
N SER A 17 -0.84 -19.44 -7.05
CA SER A 17 -0.41 -20.03 -5.79
C SER A 17 0.99 -19.60 -5.44
N ASN A 18 1.50 -20.15 -4.34
CA ASN A 18 2.84 -19.87 -3.85
C ASN A 18 3.01 -18.50 -3.22
N TRP A 19 4.27 -18.15 -2.96
CA TRP A 19 4.61 -16.91 -2.31
C TRP A 19 4.86 -15.72 -3.21
N MET A 20 4.37 -14.57 -2.77
CA MET A 20 4.53 -13.31 -3.48
C MET A 20 4.77 -12.19 -2.50
N ASN A 21 5.78 -11.34 -2.75
CA ASN A 21 5.94 -10.19 -1.90
C ASN A 21 5.98 -8.90 -2.73
N ASP A 22 7.03 -8.11 -2.65
CA ASP A 22 7.14 -6.83 -3.36
C ASP A 22 6.58 -6.66 -4.78
N PRO A 23 5.85 -5.56 -5.01
CA PRO A 23 5.33 -5.33 -6.37
C PRO A 23 6.57 -4.83 -7.14
N ASN A 24 6.72 -5.21 -8.39
CA ASN A 24 7.89 -4.78 -9.17
C ASN A 24 7.54 -4.17 -10.53
N GLY A 25 8.36 -3.22 -10.95
CA GLY A 25 8.20 -2.57 -12.24
C GLY A 25 6.81 -2.25 -12.77
N PRO A 26 5.89 -1.75 -11.95
CA PRO A 26 4.55 -1.44 -12.46
C PRO A 26 4.69 -0.38 -13.56
N MET A 27 3.84 -0.44 -14.59
CA MET A 27 3.88 0.55 -15.66
C MET A 27 2.72 0.36 -16.63
N LEU A 28 2.52 1.36 -17.47
CA LEU A 28 1.51 1.32 -18.51
C LEU A 28 2.31 1.43 -19.80
N TYR A 29 2.15 0.48 -20.70
CA TYR A 29 2.89 0.53 -21.95
C TYR A 29 2.01 0.09 -23.11
N GLN A 30 1.91 0.96 -24.12
CA GLN A 30 1.11 0.66 -25.30
C GLN A 30 -0.28 0.17 -24.91
N GLY A 31 -0.93 0.89 -24.01
CA GLY A 31 -2.28 0.54 -23.59
C GLY A 31 -2.45 -0.66 -22.69
N VAL A 32 -1.34 -1.28 -22.27
CA VAL A 32 -1.42 -2.43 -21.39
C VAL A 32 -0.76 -2.14 -20.04
N TYR A 33 -1.46 -2.47 -18.96
CA TYR A 33 -0.90 -2.27 -17.62
C TYR A 33 -0.07 -3.50 -17.29
N HIS A 34 1.18 -3.29 -16.91
CA HIS A 34 2.05 -4.39 -16.56
C HIS A 34 2.28 -4.44 -15.06
N PHE A 35 2.24 -5.64 -14.50
CA PHE A 35 2.50 -5.81 -13.08
C PHE A 35 3.45 -6.97 -12.89
N PHE A 36 4.52 -6.74 -12.13
CA PHE A 36 5.50 -7.76 -11.83
C PHE A 36 5.55 -7.84 -10.31
N TYR A 37 6.13 -8.91 -9.78
CA TYR A 37 6.21 -9.07 -8.34
C TYR A 37 7.20 -10.14 -7.90
N GLN A 38 7.78 -9.96 -6.71
CA GLN A 38 8.72 -10.92 -6.16
C GLN A 38 7.92 -12.21 -5.99
N TYR A 39 8.43 -13.29 -6.59
CA TYR A 39 7.71 -14.56 -6.53
C TYR A 39 8.64 -15.75 -6.29
N ASN A 40 8.16 -16.71 -5.51
CA ASN A 40 8.91 -17.93 -5.24
C ASN A 40 8.17 -19.03 -6.00
N PRO A 41 8.78 -19.56 -7.07
CA PRO A 41 8.15 -20.60 -7.87
C PRO A 41 8.10 -21.96 -7.18
N TYR A 42 8.81 -22.08 -6.07
CA TYR A 42 8.88 -23.38 -5.39
C TYR A 42 8.20 -23.56 -4.04
N ALA A 43 7.71 -22.49 -3.44
CA ALA A 43 7.06 -22.63 -2.14
C ALA A 43 6.17 -21.44 -1.77
N ALA A 44 5.42 -21.61 -0.70
CA ALA A 44 4.53 -20.59 -0.18
C ALA A 44 5.23 -19.82 0.94
N THR A 45 6.56 -19.74 0.85
CA THR A 45 7.36 -19.02 1.84
C THR A 45 8.47 -18.33 1.06
N PHE A 46 9.22 -17.43 1.72
CA PHE A 46 10.31 -16.78 1.02
C PHE A 46 11.33 -17.89 0.74
N GLY A 47 12.14 -17.73 -0.30
CA GLY A 47 13.12 -18.77 -0.62
C GLY A 47 14.41 -18.25 -1.21
N ASP A 48 15.35 -19.15 -1.44
CA ASP A 48 16.65 -18.79 -2.01
C ASP A 48 16.54 -18.32 -3.45
N VAL A 49 15.50 -18.77 -4.14
CA VAL A 49 15.29 -18.37 -5.53
C VAL A 49 14.01 -17.56 -5.69
N ILE A 50 14.17 -16.24 -5.85
CA ILE A 50 13.06 -15.34 -6.04
C ILE A 50 13.15 -14.76 -7.45
N ILE A 51 12.02 -14.73 -8.15
CA ILE A 51 11.99 -14.20 -9.50
C ILE A 51 10.82 -13.24 -9.68
N TRP A 52 10.77 -12.58 -10.84
CA TRP A 52 9.72 -11.63 -11.14
C TRP A 52 8.53 -12.31 -11.80
N GLY A 53 7.41 -12.39 -11.08
CA GLY A 53 6.21 -12.94 -11.67
C GLY A 53 5.74 -11.84 -12.62
N HIS A 54 4.83 -12.13 -13.53
CA HIS A 54 4.37 -11.13 -14.48
C HIS A 54 2.91 -11.33 -14.85
N ALA A 55 2.16 -10.24 -14.91
CA ALA A 55 0.75 -10.28 -15.29
C ALA A 55 0.42 -8.99 -16.02
N VAL A 56 -0.57 -9.05 -16.91
CA VAL A 56 -0.97 -7.86 -17.66
C VAL A 56 -2.45 -7.61 -17.52
N SER A 57 -2.85 -6.37 -17.73
CA SER A 57 -4.24 -5.98 -17.63
C SER A 57 -4.55 -4.73 -18.44
N TYR A 58 -5.81 -4.57 -18.83
CA TYR A 58 -6.24 -3.40 -19.58
C TYR A 58 -6.96 -2.43 -18.65
N ASP A 59 -7.30 -2.89 -17.45
CA ASP A 59 -8.03 -2.05 -16.51
C ASP A 59 -7.57 -2.07 -15.05
N LEU A 60 -6.45 -2.75 -14.76
CA LEU A 60 -5.93 -2.86 -13.39
C LEU A 60 -6.80 -3.73 -12.46
N VAL A 61 -7.89 -4.27 -13.01
CA VAL A 61 -8.78 -5.11 -12.22
C VAL A 61 -8.72 -6.57 -12.67
N ASN A 62 -8.89 -6.79 -13.96
CA ASN A 62 -8.87 -8.14 -14.52
C ASN A 62 -7.48 -8.42 -15.08
N TRP A 63 -6.91 -9.56 -14.69
CA TRP A 63 -5.56 -9.89 -15.10
C TRP A 63 -5.34 -11.18 -15.85
N ILE A 64 -4.22 -11.20 -16.57
CA ILE A 64 -3.79 -12.38 -17.32
C ILE A 64 -2.42 -12.73 -16.76
N HIS A 65 -2.29 -13.91 -16.16
CA HIS A 65 -1.03 -14.35 -15.60
C HIS A 65 -0.12 -14.86 -16.72
N LEU A 66 1.11 -14.37 -16.78
CA LEU A 66 2.05 -14.78 -17.81
C LEU A 66 3.19 -15.55 -17.15
N ASP A 67 4.18 -15.96 -17.95
CA ASP A 67 5.33 -16.66 -17.40
C ASP A 67 6.22 -15.59 -16.77
N PRO A 68 7.01 -15.97 -15.75
CA PRO A 68 7.88 -14.95 -15.15
C PRO A 68 8.72 -14.22 -16.19
N ALA A 69 8.91 -12.93 -15.98
CA ALA A 69 9.65 -12.08 -16.91
C ALA A 69 11.15 -12.01 -16.65
N ILE A 70 11.51 -11.91 -15.37
CA ILE A 70 12.91 -11.81 -15.00
C ILE A 70 13.31 -12.87 -13.98
N TYR A 71 14.28 -13.70 -14.36
CA TYR A 71 14.78 -14.78 -13.52
C TYR A 71 16.29 -14.93 -13.78
N PRO A 72 17.05 -15.40 -12.77
CA PRO A 72 18.50 -15.56 -12.90
C PRO A 72 18.98 -16.25 -14.19
N THR A 73 19.80 -15.52 -14.95
CA THR A 73 20.37 -16.04 -16.20
C THR A 73 21.82 -15.59 -16.37
N GLN A 74 22.29 -14.69 -15.50
CA GLN A 74 23.66 -14.26 -15.58
C GLN A 74 24.30 -14.17 -14.21
N GLU A 75 25.62 -14.02 -14.20
CA GLU A 75 26.36 -13.94 -12.95
C GLU A 75 25.80 -12.81 -12.09
N ALA A 76 25.46 -11.69 -12.72
CA ALA A 76 24.95 -10.52 -12.01
C ALA A 76 23.61 -10.74 -11.28
N ASP A 77 22.97 -11.89 -11.49
CA ASP A 77 21.71 -12.16 -10.80
C ASP A 77 21.48 -13.65 -10.59
N SER A 78 22.57 -14.41 -10.61
CA SER A 78 22.51 -15.87 -10.47
C SER A 78 21.79 -16.43 -9.26
N LYS A 79 21.81 -15.72 -8.13
CA LYS A 79 21.15 -16.22 -6.93
C LYS A 79 19.70 -15.78 -6.73
N SER A 80 19.28 -14.74 -7.44
CA SER A 80 17.91 -14.23 -7.34
C SER A 80 17.74 -12.89 -8.05
N CYS A 81 16.51 -12.58 -8.41
CA CYS A 81 16.18 -11.32 -9.05
C CYS A 81 15.25 -10.59 -8.09
N TRP A 82 15.81 -9.67 -7.32
CA TRP A 82 15.01 -8.95 -6.36
C TRP A 82 14.35 -7.70 -6.92
N SER A 83 13.69 -6.94 -6.06
CA SER A 83 12.94 -5.77 -6.47
C SER A 83 13.57 -4.71 -7.37
N GLY A 84 12.71 -4.06 -8.14
CA GLY A 84 13.15 -3.02 -9.06
C GLY A 84 11.99 -2.24 -9.65
N SER A 85 12.29 -1.30 -10.54
CA SER A 85 11.27 -0.45 -11.13
C SER A 85 11.43 -0.27 -12.63
N ALA A 86 10.35 0.16 -13.27
CA ALA A 86 10.33 0.39 -14.72
C ALA A 86 10.38 1.86 -15.06
N THR A 87 11.14 2.19 -16.09
CA THR A 87 11.25 3.56 -16.58
C THR A 87 11.12 3.47 -18.10
N ILE A 88 10.16 4.20 -18.66
CA ILE A 88 9.97 4.18 -20.11
C ILE A 88 10.78 5.32 -20.72
N LEU A 89 11.85 4.94 -21.40
CA LEU A 89 12.75 5.90 -22.01
C LEU A 89 12.27 6.46 -23.34
N PRO A 90 12.68 7.69 -23.67
CA PRO A 90 12.28 8.30 -24.94
C PRO A 90 12.62 7.27 -26.02
N GLY A 91 11.79 7.17 -27.04
CA GLY A 91 12.03 6.18 -28.08
C GLY A 91 11.07 5.04 -27.79
N ASN A 92 10.33 5.20 -26.68
CA ASN A 92 9.31 4.26 -26.23
C ASN A 92 9.84 2.87 -25.88
N ILE A 93 10.89 2.83 -25.08
CA ILE A 93 11.48 1.56 -24.69
C ILE A 93 11.46 1.45 -23.16
N PRO A 94 10.74 0.45 -22.62
CA PRO A 94 10.69 0.30 -21.17
C PRO A 94 11.97 -0.35 -20.65
N ALA A 95 12.64 0.31 -19.71
CA ALA A 95 13.87 -0.20 -19.13
C ALA A 95 13.62 -0.60 -17.69
N MET A 96 14.09 -1.77 -17.32
CA MET A 96 13.89 -2.30 -15.98
C MET A 96 15.20 -2.36 -15.20
N LEU A 97 15.22 -1.69 -14.04
CA LEU A 97 16.39 -1.71 -13.16
C LEU A 97 15.98 -2.50 -11.93
N TYR A 98 16.75 -3.52 -11.57
CA TYR A 98 16.39 -4.33 -10.42
C TYR A 98 17.63 -4.80 -9.68
N THR A 99 17.44 -5.20 -8.43
CA THR A 99 18.56 -5.68 -7.63
C THR A 99 18.74 -7.18 -7.83
N GLY A 100 19.93 -7.56 -8.27
CA GLY A 100 20.19 -8.98 -8.45
C GLY A 100 21.11 -9.44 -7.33
N SER A 101 21.03 -10.72 -6.99
CA SER A 101 21.90 -11.30 -5.98
C SER A 101 22.91 -12.08 -6.84
N ASP A 102 24.14 -11.59 -6.93
CA ASP A 102 25.12 -12.28 -7.78
C ASP A 102 25.73 -13.52 -7.17
N SER A 103 26.66 -14.13 -7.90
CA SER A 103 27.31 -15.37 -7.46
C SER A 103 28.03 -15.22 -6.12
N LYS A 104 28.45 -14.01 -5.79
CA LYS A 104 29.15 -13.75 -4.51
C LYS A 104 28.13 -13.33 -3.45
N SER A 105 26.85 -13.51 -3.77
CA SER A 105 25.78 -13.16 -2.86
C SER A 105 25.65 -11.68 -2.52
N ARG A 106 26.20 -10.81 -3.36
CA ARG A 106 26.08 -9.39 -3.05
C ARG A 106 25.00 -8.73 -3.91
N GLN A 107 24.40 -7.68 -3.36
CA GLN A 107 23.33 -6.96 -4.03
C GLN A 107 23.87 -5.94 -5.02
N VAL A 108 23.55 -6.16 -6.30
CA VAL A 108 23.99 -5.28 -7.38
C VAL A 108 22.79 -4.87 -8.25
N GLN A 109 22.90 -3.74 -8.94
CA GLN A 109 21.80 -3.27 -9.79
C GLN A 109 21.99 -3.65 -11.25
N ASP A 110 20.98 -4.34 -11.80
CA ASP A 110 21.00 -4.83 -13.17
C ASP A 110 19.96 -4.15 -14.06
N LEU A 111 20.19 -4.24 -15.37
CA LEU A 111 19.31 -3.64 -16.36
C LEU A 111 18.76 -4.69 -17.32
N ALA A 112 17.50 -4.54 -17.69
CA ALA A 112 16.87 -5.47 -18.63
C ALA A 112 15.82 -4.66 -19.38
N TRP A 113 15.47 -5.12 -20.58
CA TRP A 113 14.45 -4.44 -21.37
C TRP A 113 13.78 -5.48 -22.24
N PRO A 114 12.56 -5.23 -22.71
CA PRO A 114 11.91 -6.22 -23.55
C PRO A 114 12.65 -6.54 -24.84
N LYS A 115 12.65 -7.82 -25.20
CA LYS A 115 13.33 -8.25 -26.41
C LYS A 115 12.43 -8.23 -27.64
N ASN A 116 11.13 -8.09 -27.43
CA ASN A 116 10.17 -8.11 -28.52
C ASN A 116 9.07 -7.06 -28.31
N LEU A 117 9.35 -5.82 -28.69
CA LEU A 117 8.38 -4.75 -28.51
C LEU A 117 7.09 -4.95 -29.30
N SER A 118 7.07 -5.92 -30.22
CA SER A 118 5.87 -6.21 -31.00
C SER A 118 4.87 -6.97 -30.13
N ASP A 119 5.36 -7.57 -29.06
CA ASP A 119 4.53 -8.34 -28.15
C ASP A 119 3.81 -7.40 -27.15
N PRO A 120 2.48 -7.27 -27.27
CA PRO A 120 1.70 -6.41 -26.38
C PRO A 120 1.90 -6.75 -24.91
N PHE A 121 2.23 -8.02 -24.64
CA PHE A 121 2.42 -8.48 -23.28
C PHE A 121 3.86 -8.50 -22.78
N LEU A 122 4.80 -8.05 -23.62
CA LEU A 122 6.21 -8.03 -23.24
C LEU A 122 6.62 -9.24 -22.39
N ARG A 123 6.49 -10.44 -22.95
CA ARG A 123 6.83 -11.64 -22.19
C ARG A 123 8.33 -11.91 -22.05
N GLU A 124 9.08 -11.68 -23.13
CA GLU A 124 10.52 -11.94 -23.14
C GLU A 124 11.36 -10.69 -22.87
N TRP A 125 12.33 -10.84 -21.98
CA TRP A 125 13.22 -9.73 -21.62
C TRP A 125 14.68 -10.09 -21.84
N VAL A 126 15.46 -9.10 -22.25
CA VAL A 126 16.88 -9.31 -22.47
C VAL A 126 17.65 -8.50 -21.44
N LYS A 127 18.77 -9.05 -20.97
CA LYS A 127 19.57 -8.37 -19.96
C LYS A 127 20.82 -7.73 -20.55
N HIS A 128 21.21 -6.59 -19.99
CA HIS A 128 22.39 -5.89 -20.49
C HIS A 128 23.63 -6.74 -20.22
N PRO A 129 24.51 -6.87 -21.23
CA PRO A 129 25.76 -7.65 -21.17
C PRO A 129 26.72 -7.17 -20.09
N LYS A 130 26.65 -5.89 -19.76
CA LYS A 130 27.55 -5.32 -18.76
C LYS A 130 27.02 -5.34 -17.32
N ASN A 131 25.94 -6.07 -17.06
CA ASN A 131 25.43 -6.14 -15.69
C ASN A 131 26.51 -6.82 -14.84
N PRO A 132 26.67 -6.39 -13.58
CA PRO A 132 25.89 -5.33 -12.92
C PRO A 132 26.33 -3.92 -13.31
N LEU A 133 25.34 -3.03 -13.42
CA LEU A 133 25.60 -1.64 -13.79
C LEU A 133 26.05 -0.82 -12.59
N ILE A 134 25.60 -1.22 -11.40
CA ILE A 134 25.96 -0.51 -10.18
C ILE A 134 26.20 -1.48 -9.05
N THR A 135 27.29 -1.28 -8.32
CA THR A 135 27.64 -2.13 -7.19
C THR A 135 27.70 -1.27 -5.94
N PRO A 136 27.61 -1.88 -4.74
CA PRO A 136 27.65 -1.15 -3.48
C PRO A 136 28.76 -0.09 -3.36
N PRO A 137 28.41 1.10 -2.86
CA PRO A 137 29.36 2.21 -2.67
C PRO A 137 30.46 1.78 -1.69
N GLU A 138 31.52 2.58 -1.60
CA GLU A 138 32.64 2.26 -0.73
C GLU A 138 32.34 1.70 0.66
N GLY A 139 31.67 2.46 1.52
CA GLY A 139 31.40 1.95 2.85
C GLY A 139 30.06 1.29 3.10
N VAL A 140 29.50 0.63 2.09
CA VAL A 140 28.20 -0.03 2.24
C VAL A 140 28.35 -1.54 2.11
N LYS A 141 27.69 -2.28 2.98
CA LYS A 141 27.77 -3.73 2.96
C LYS A 141 27.12 -4.34 1.72
N ASP A 142 27.56 -5.54 1.35
CA ASP A 142 27.03 -6.22 0.17
C ASP A 142 25.55 -6.56 0.24
N ASP A 143 24.97 -6.56 1.43
CA ASP A 143 23.56 -6.87 1.55
C ASP A 143 22.73 -5.71 2.07
N CYS A 144 23.20 -4.49 1.79
CA CYS A 144 22.51 -3.27 2.22
C CYS A 144 22.50 -2.25 1.08
N PHE A 145 22.23 -2.71 -0.13
CA PHE A 145 22.22 -1.83 -1.30
C PHE A 145 21.20 -2.40 -2.30
N ARG A 146 19.97 -1.88 -2.28
CA ARG A 146 18.97 -2.45 -3.17
C ARG A 146 17.74 -1.62 -3.51
N ASP A 147 16.94 -2.21 -4.39
CA ASP A 147 15.67 -1.67 -4.87
C ASP A 147 15.69 -0.35 -5.61
N PRO A 148 16.28 -0.34 -6.83
CA PRO A 148 16.34 0.91 -7.61
C PRO A 148 14.94 1.39 -7.97
N SER A 149 14.78 2.70 -7.97
CA SER A 149 13.49 3.32 -8.27
C SER A 149 13.33 3.63 -9.76
N THR A 150 12.16 4.17 -10.09
CA THR A 150 11.89 4.58 -11.45
C THR A 150 12.77 5.82 -11.61
N ALA A 151 13.34 6.02 -12.78
CA ALA A 151 14.23 7.16 -13.01
C ALA A 151 13.49 8.40 -13.48
N TRP A 152 14.11 9.56 -13.27
CA TRP A 152 13.52 10.81 -13.75
C TRP A 152 14.61 11.55 -14.52
N LEU A 153 14.20 12.17 -15.63
CA LEU A 153 15.11 12.91 -16.50
C LEU A 153 15.11 14.39 -16.17
N GLY A 154 16.24 14.89 -15.71
CA GLY A 154 16.34 16.30 -15.37
C GLY A 154 16.32 17.20 -16.59
N PRO A 155 16.11 18.51 -16.40
CA PRO A 155 16.08 19.45 -17.54
C PRO A 155 17.41 19.48 -18.29
N ASP A 156 18.46 18.99 -17.65
CA ASP A 156 19.80 18.96 -18.25
C ASP A 156 20.01 17.65 -19.02
N GLY A 157 18.94 16.89 -19.22
CA GLY A 157 19.05 15.64 -19.94
C GLY A 157 19.77 14.53 -19.20
N VAL A 158 19.88 14.65 -17.88
CA VAL A 158 20.55 13.62 -17.08
C VAL A 158 19.53 12.84 -16.25
N TRP A 159 19.63 11.51 -16.29
CA TRP A 159 18.72 10.64 -15.55
C TRP A 159 19.14 10.50 -14.10
N ARG A 160 18.16 10.41 -13.21
CA ARG A 160 18.42 10.21 -11.79
C ARG A 160 17.61 9.02 -11.31
N ILE A 161 18.18 8.27 -10.36
CA ILE A 161 17.49 7.15 -9.73
C ILE A 161 18.03 7.08 -8.32
N VAL A 162 17.27 6.46 -7.42
CA VAL A 162 17.76 6.28 -6.07
C VAL A 162 17.77 4.78 -5.82
N VAL A 163 18.72 4.35 -5.02
CA VAL A 163 18.84 2.96 -4.65
C VAL A 163 18.87 2.98 -3.13
N GLY A 164 18.13 2.09 -2.50
CA GLY A 164 18.10 2.06 -1.06
C GLY A 164 19.25 1.32 -0.43
N GLY A 165 19.49 1.60 0.84
CA GLY A 165 20.56 0.95 1.56
C GLY A 165 20.79 1.68 2.85
N ASP A 166 21.97 1.51 3.42
CA ASP A 166 22.31 2.21 4.65
C ASP A 166 23.80 2.20 4.85
N ARG A 167 24.29 3.25 5.50
CA ARG A 167 25.69 3.39 5.81
C ARG A 167 25.78 3.42 7.33
N ASP A 168 26.23 2.32 7.92
CA ASP A 168 26.35 2.21 9.37
C ASP A 168 24.98 2.34 10.04
N ASN A 169 24.02 1.56 9.54
CA ASN A 169 22.66 1.55 10.04
C ASN A 169 21.87 2.84 9.82
N ASN A 170 22.41 3.75 9.00
CA ASN A 170 21.71 4.99 8.70
C ASN A 170 21.08 4.88 7.31
N GLY A 171 19.75 4.84 7.28
CA GLY A 171 19.02 4.74 6.03
C GLY A 171 19.49 5.72 4.98
N MET A 172 19.58 5.23 3.74
CA MET A 172 20.07 6.04 2.64
C MET A 172 19.27 5.86 1.34
N ALA A 173 19.13 6.95 0.60
CA ALA A 173 18.49 6.90 -0.71
C ALA A 173 19.66 7.34 -1.58
N PHE A 174 20.51 6.39 -1.96
CA PHE A 174 21.68 6.69 -2.79
C PHE A 174 21.25 7.18 -4.16
N LEU A 175 21.77 8.33 -4.55
CA LEU A 175 21.44 8.95 -5.82
C LEU A 175 22.49 8.66 -6.89
N TYR A 176 22.03 8.20 -8.06
CA TYR A 176 22.91 7.91 -9.18
C TYR A 176 22.47 8.72 -10.40
N GLN A 177 23.42 9.05 -11.25
CA GLN A 177 23.12 9.82 -12.45
C GLN A 177 23.63 9.13 -13.70
N SER A 178 22.96 9.40 -14.82
CA SER A 178 23.32 8.80 -16.10
C SER A 178 22.65 9.50 -17.28
N THR A 179 23.31 9.48 -18.43
CA THR A 179 22.77 10.09 -19.64
C THR A 179 22.31 9.01 -20.61
N ASP A 180 22.98 7.86 -20.59
CA ASP A 180 22.62 6.77 -21.51
C ASP A 180 21.87 5.62 -20.85
N PHE A 181 21.62 5.77 -19.54
CA PHE A 181 20.89 4.77 -18.76
C PHE A 181 21.69 3.48 -18.57
N VAL A 182 22.95 3.47 -19.01
CA VAL A 182 23.80 2.29 -18.88
C VAL A 182 24.99 2.54 -17.96
N ASN A 183 25.62 3.71 -18.10
CA ASN A 183 26.75 4.08 -17.27
C ASN A 183 26.22 5.02 -16.19
N TRP A 184 26.24 4.57 -14.94
CA TRP A 184 25.75 5.36 -13.82
C TRP A 184 26.89 5.79 -12.89
N LYS A 185 26.79 7.00 -12.37
CA LYS A 185 27.79 7.53 -11.45
C LYS A 185 27.09 8.00 -10.18
N ARG A 186 27.56 7.52 -9.04
CA ARG A 186 26.96 7.90 -7.77
C ARG A 186 27.18 9.37 -7.46
N TYR A 187 26.12 10.05 -7.03
CA TYR A 187 26.25 11.46 -6.67
C TYR A 187 26.97 11.47 -5.33
N ASP A 188 27.70 12.55 -5.06
CA ASP A 188 28.44 12.66 -3.81
C ASP A 188 27.59 12.47 -2.55
N GLN A 189 26.46 13.14 -2.49
CA GLN A 189 25.56 13.02 -1.33
C GLN A 189 24.29 12.25 -1.66
N PRO A 190 23.67 11.62 -0.65
CA PRO A 190 22.43 10.85 -0.84
C PRO A 190 21.31 11.85 -1.14
N LEU A 191 20.24 11.40 -1.76
CA LEU A 191 19.14 12.30 -2.05
C LEU A 191 18.50 12.67 -0.71
N SER A 192 18.42 11.68 0.18
CA SER A 192 17.87 11.86 1.50
C SER A 192 18.38 10.72 2.37
N SER A 193 18.23 10.84 3.68
CA SER A 193 18.71 9.82 4.61
C SER A 193 18.15 10.04 6.00
N ALA A 194 18.41 9.11 6.90
CA ALA A 194 17.93 9.21 8.28
C ALA A 194 18.79 8.33 9.17
N ASP A 195 19.11 8.83 10.35
CA ASP A 195 19.93 8.09 11.30
C ASP A 195 19.23 6.89 11.92
N ALA A 196 20.01 5.84 12.15
CA ALA A 196 19.55 4.61 12.80
C ALA A 196 18.23 4.00 12.38
N THR A 197 17.87 4.12 11.10
CA THR A 197 16.62 3.54 10.61
C THR A 197 16.82 2.15 10.02
N GLY A 198 18.07 1.84 9.68
CA GLY A 198 18.34 0.55 9.06
C GLY A 198 18.22 0.77 7.56
N THR A 199 18.38 -0.30 6.78
CA THR A 199 18.32 -0.18 5.33
C THR A 199 16.99 0.37 4.82
N TRP A 200 17.07 1.32 3.89
CA TRP A 200 15.88 1.90 3.29
C TRP A 200 15.51 0.96 2.15
N GLU A 201 14.32 0.38 2.24
CA GLU A 201 13.88 -0.55 1.20
C GLU A 201 12.87 0.08 0.25
N CYS A 202 12.95 -0.33 -1.01
CA CYS A 202 12.05 0.15 -2.06
C CYS A 202 11.78 1.65 -2.03
N PRO A 203 12.83 2.48 -2.13
CA PRO A 203 12.64 3.92 -2.11
C PRO A 203 11.85 4.33 -3.34
N ASP A 204 11.02 5.35 -3.20
CA ASP A 204 10.24 5.85 -4.34
C ASP A 204 10.37 7.36 -4.21
N PHE A 205 10.56 8.03 -5.34
CA PHE A 205 10.71 9.48 -5.35
C PHE A 205 9.97 10.02 -6.56
N TYR A 206 8.96 10.85 -6.32
CA TYR A 206 8.16 11.37 -7.41
C TYR A 206 7.46 12.67 -7.05
N PRO A 207 7.01 13.41 -8.08
CA PRO A 207 6.34 14.69 -7.87
C PRO A 207 4.82 14.52 -7.83
N VAL A 208 4.16 15.46 -7.16
CA VAL A 208 2.70 15.47 -7.09
C VAL A 208 2.29 16.93 -7.35
N PRO A 209 1.21 17.15 -8.10
CA PRO A 209 0.78 18.52 -8.38
C PRO A 209 -0.03 19.15 -7.25
N LEU A 210 0.32 20.39 -6.91
CA LEU A 210 -0.39 21.10 -5.85
C LEU A 210 -1.79 21.47 -6.33
N ASN A 211 -2.74 21.44 -5.40
CA ASN A 211 -4.13 21.77 -5.72
C ASN A 211 -4.61 21.04 -6.96
N SER A 212 -4.53 19.71 -6.93
CA SER A 212 -4.96 18.87 -8.05
C SER A 212 -5.07 17.45 -7.54
N THR A 213 -5.94 16.65 -8.15
CA THR A 213 -6.11 15.26 -7.76
C THR A 213 -5.48 14.38 -8.83
N ASN A 214 -4.73 14.99 -9.74
CA ASN A 214 -4.09 14.26 -10.81
C ASN A 214 -2.71 13.75 -10.45
N GLY A 215 -2.12 12.98 -11.37
CA GLY A 215 -0.80 12.45 -11.16
C GLY A 215 0.13 13.14 -12.15
N LEU A 216 1.43 13.00 -11.93
CA LEU A 216 2.40 13.61 -12.83
C LEU A 216 3.45 12.62 -13.26
N ASP A 217 3.99 12.83 -14.46
CA ASP A 217 5.05 11.98 -14.95
C ASP A 217 6.17 12.22 -13.93
N THR A 218 7.00 11.22 -13.69
CA THR A 218 8.07 11.35 -12.71
C THR A 218 9.07 12.49 -12.97
N SER A 219 9.20 12.91 -14.23
CA SER A 219 10.16 13.95 -14.58
C SER A 219 9.69 15.40 -14.49
N VAL A 220 8.47 15.63 -14.01
CA VAL A 220 7.97 16.99 -13.88
C VAL A 220 8.56 17.68 -12.66
N TYR A 221 8.82 18.97 -12.78
CA TYR A 221 9.36 19.76 -11.68
C TYR A 221 8.79 21.17 -11.78
N GLY A 222 8.96 21.98 -10.74
CA GLY A 222 8.43 23.32 -10.80
C GLY A 222 7.90 23.81 -9.46
N GLY A 223 7.47 25.06 -9.43
CA GLY A 223 6.96 25.64 -8.20
C GLY A 223 5.59 25.14 -7.79
N SER A 224 4.80 24.70 -8.76
CA SER A 224 3.47 24.20 -8.48
C SER A 224 3.52 22.68 -8.26
N VAL A 225 4.71 22.21 -7.89
CA VAL A 225 4.93 20.80 -7.67
C VAL A 225 5.75 20.52 -6.42
N ARG A 226 5.40 19.46 -5.71
CA ARG A 226 6.12 19.05 -4.52
C ARG A 226 6.53 17.61 -4.75
N HIS A 227 7.62 17.18 -4.10
CA HIS A 227 8.09 15.82 -4.27
C HIS A 227 7.89 14.97 -3.04
N VAL A 228 7.71 13.67 -3.26
CA VAL A 228 7.51 12.72 -2.18
C VAL A 228 8.70 11.78 -2.13
N MET A 229 9.30 11.66 -0.95
CA MET A 229 10.41 10.75 -0.73
C MET A 229 9.82 9.65 0.13
N LYS A 230 9.76 8.45 -0.40
CA LYS A 230 9.20 7.32 0.32
C LYS A 230 10.23 6.21 0.49
N ALA A 231 10.22 5.57 1.66
CA ALA A 231 11.15 4.48 1.92
C ALA A 231 10.56 3.56 2.98
N GLY A 232 10.91 2.29 2.88
CA GLY A 232 10.43 1.33 3.85
C GLY A 232 11.55 0.99 4.83
N PHE A 233 11.22 0.95 6.11
CA PHE A 233 12.18 0.59 7.14
C PHE A 233 11.46 0.39 8.47
N GLU A 234 12.06 -0.43 9.33
CA GLU A 234 11.49 -0.75 10.62
C GLU A 234 10.08 -1.34 10.46
N GLY A 235 9.91 -2.07 9.37
CA GLY A 235 8.64 -2.74 9.10
C GLY A 235 7.50 -1.99 8.43
N HIS A 236 7.70 -0.71 8.12
CA HIS A 236 6.63 0.05 7.48
C HIS A 236 7.09 0.96 6.37
N ASP A 237 6.14 1.47 5.61
CA ASP A 237 6.44 2.39 4.52
C ASP A 237 6.17 3.81 4.99
N TRP A 238 7.20 4.64 4.98
CA TRP A 238 7.07 6.03 5.41
C TRP A 238 7.31 6.94 4.24
N TYR A 239 6.83 8.18 4.33
CA TYR A 239 7.07 9.14 3.28
C TYR A 239 7.04 10.53 3.87
N THR A 240 7.63 11.48 3.15
CA THR A 240 7.68 12.85 3.58
C THR A 240 7.59 13.71 2.33
N ILE A 241 6.81 14.78 2.42
CA ILE A 241 6.62 15.71 1.31
C ILE A 241 7.63 16.83 1.41
N GLY A 242 8.17 17.23 0.25
CA GLY A 242 9.15 18.30 0.26
C GLY A 242 9.39 18.93 -1.10
N THR A 243 10.43 19.74 -1.16
CA THR A 243 10.82 20.44 -2.38
C THR A 243 12.12 19.85 -2.93
N TYR A 244 12.15 19.66 -4.23
CA TYR A 244 13.32 19.08 -4.90
C TYR A 244 14.00 20.07 -5.86
N SER A 245 15.33 20.15 -5.74
CA SER A 245 16.13 21.02 -6.61
C SER A 245 17.11 20.17 -7.39
N PRO A 246 16.81 19.90 -8.67
CA PRO A 246 17.67 19.08 -9.53
C PRO A 246 19.11 19.59 -9.54
N ASP A 247 19.25 20.91 -9.68
CA ASP A 247 20.52 21.59 -9.74
C ASP A 247 21.51 21.09 -8.69
N ARG A 248 21.12 21.20 -7.43
CA ARG A 248 21.99 20.79 -6.34
C ARG A 248 21.62 19.42 -5.75
N GLU A 249 20.71 18.71 -6.42
CA GLU A 249 20.26 17.40 -5.96
C GLU A 249 19.87 17.50 -4.50
N ASN A 250 19.05 18.49 -4.19
CA ASN A 250 18.63 18.72 -2.82
C ASN A 250 17.13 18.50 -2.58
N PHE A 251 16.83 17.67 -1.58
CA PHE A 251 15.45 17.41 -1.21
C PHE A 251 15.26 18.01 0.18
N LEU A 252 14.36 18.98 0.28
CA LEU A 252 14.10 19.64 1.55
C LEU A 252 12.72 19.26 2.09
N PRO A 253 12.67 18.52 3.21
CA PRO A 253 11.40 18.11 3.81
C PRO A 253 10.59 19.33 4.23
N GLN A 254 9.31 19.34 3.85
CA GLN A 254 8.41 20.43 4.18
C GLN A 254 8.37 20.73 5.69
N ASN A 255 8.35 19.67 6.50
CA ASN A 255 8.29 19.83 7.95
C ASN A 255 9.68 19.89 8.58
N GLY A 256 10.71 19.94 7.74
CA GLY A 256 12.09 20.03 8.22
C GLY A 256 12.59 18.87 9.04
N LEU A 257 11.88 17.74 9.02
CA LEU A 257 12.31 16.60 9.81
C LEU A 257 12.98 15.52 8.99
N SER A 258 13.76 14.70 9.66
CA SER A 258 14.42 13.56 9.03
C SER A 258 13.51 12.44 9.49
N LEU A 259 13.30 11.43 8.66
CA LEU A 259 12.42 10.33 9.06
C LEU A 259 12.99 9.65 10.31
N THR A 260 12.11 9.30 11.23
CA THR A 260 12.52 8.62 12.46
C THR A 260 11.71 7.33 12.65
N GLY A 261 10.65 7.18 11.86
CA GLY A 261 9.83 6.00 11.99
C GLY A 261 9.02 6.09 13.26
N SER A 262 8.59 7.31 13.60
CA SER A 262 7.79 7.54 14.81
C SER A 262 6.43 8.14 14.46
N THR A 263 5.61 8.34 15.48
CA THR A 263 4.28 8.91 15.27
C THR A 263 4.42 10.32 14.72
N LEU A 264 5.66 10.74 14.52
CA LEU A 264 5.98 12.06 13.98
C LEU A 264 5.90 12.03 12.43
N ASP A 265 6.07 10.84 11.85
CA ASP A 265 6.07 10.69 10.41
C ASP A 265 4.79 10.13 9.79
N LEU A 266 4.62 10.37 8.50
CA LEU A 266 3.46 9.90 7.77
C LEU A 266 3.71 8.53 7.13
N ARG A 267 2.64 7.79 6.92
CA ARG A 267 2.70 6.49 6.26
C ARG A 267 1.58 6.53 5.24
N TYR A 268 1.67 5.68 4.23
CA TYR A 268 0.61 5.61 3.23
C TYR A 268 -0.56 4.91 3.90
N ASP A 269 -0.24 3.83 4.63
CA ASP A 269 -1.23 2.98 5.25
C ASP A 269 -0.70 2.57 6.63
N TYR A 270 -1.59 2.55 7.62
CA TYR A 270 -1.18 2.21 8.99
C TYR A 270 -1.41 0.76 9.40
N GLY A 271 -1.68 -0.11 8.43
CA GLY A 271 -1.89 -1.52 8.73
C GLY A 271 -0.81 -2.33 8.04
N GLN A 272 -1.19 -3.49 7.51
CA GLN A 272 -0.26 -4.38 6.79
C GLN A 272 -0.10 -3.81 5.38
N PHE A 273 1.03 -3.15 5.13
CA PHE A 273 1.26 -2.50 3.85
C PHE A 273 2.77 -2.31 3.71
N TYR A 274 3.40 -2.93 2.71
CA TYR A 274 4.84 -2.79 2.59
C TYR A 274 5.38 -2.86 1.16
N ALA A 275 6.58 -2.32 0.96
CA ALA A 275 7.24 -2.32 -0.33
C ALA A 275 6.39 -1.66 -1.40
N SER A 276 5.64 -0.65 -1.00
CA SER A 276 4.76 0.05 -1.94
C SER A 276 5.57 0.74 -3.04
N LYS A 277 5.01 0.72 -4.25
CA LYS A 277 5.65 1.33 -5.41
C LYS A 277 4.58 1.94 -6.31
N SER A 278 4.83 3.16 -6.80
CA SER A 278 3.88 3.84 -7.65
C SER A 278 4.42 4.04 -9.06
N PHE A 279 3.51 4.31 -10.00
CA PHE A 279 3.88 4.56 -11.37
C PHE A 279 2.90 5.57 -11.96
N PHE A 280 3.33 6.28 -12.99
CA PHE A 280 2.45 7.26 -13.62
C PHE A 280 1.66 6.62 -14.75
N ASP A 281 0.37 6.90 -14.77
CA ASP A 281 -0.54 6.38 -15.79
C ASP A 281 -0.95 7.59 -16.64
N ASP A 282 -0.31 7.77 -17.80
CA ASP A 282 -0.63 8.90 -18.65
C ASP A 282 -1.95 8.80 -19.39
N ALA A 283 -2.56 7.63 -19.38
CA ALA A 283 -3.84 7.45 -20.05
C ALA A 283 -4.93 8.13 -19.22
N LYS A 284 -4.83 8.02 -17.89
CA LYS A 284 -5.81 8.62 -17.00
C LYS A 284 -5.21 9.80 -16.23
N ASN A 285 -3.94 10.08 -16.46
CA ASN A 285 -3.26 11.18 -15.77
C ASN A 285 -3.39 11.06 -14.25
N ARG A 286 -2.99 9.91 -13.73
CA ARG A 286 -3.04 9.65 -12.30
C ARG A 286 -1.80 8.85 -11.91
N ARG A 287 -1.48 8.88 -10.63
CA ARG A 287 -0.35 8.09 -10.13
C ARG A 287 -1.01 6.93 -9.38
N VAL A 288 -0.61 5.72 -9.73
CA VAL A 288 -1.19 4.54 -9.11
C VAL A 288 -0.20 3.89 -8.16
N LEU A 289 -0.69 3.52 -6.99
CA LEU A 289 0.14 2.91 -5.96
C LEU A 289 -0.20 1.44 -5.73
N TRP A 290 0.84 0.60 -5.72
CA TRP A 290 0.72 -0.83 -5.47
C TRP A 290 1.47 -1.11 -4.16
N ALA A 291 0.99 -2.10 -3.40
CA ALA A 291 1.66 -2.46 -2.16
C ALA A 291 1.47 -3.92 -1.80
N TRP A 292 2.52 -4.54 -1.27
CA TRP A 292 2.46 -5.92 -0.85
C TRP A 292 1.76 -5.97 0.51
N VAL A 293 0.82 -6.89 0.66
CA VAL A 293 0.13 -7.04 1.94
C VAL A 293 0.47 -8.44 2.44
N PRO A 294 1.42 -8.52 3.39
CA PRO A 294 1.87 -9.79 3.97
C PRO A 294 0.75 -10.57 4.65
N GLU A 295 1.01 -11.86 4.89
CA GLU A 295 0.06 -12.72 5.57
C GLU A 295 0.26 -12.45 7.06
N THR A 296 -0.77 -12.67 7.87
CA THR A 296 -0.63 -12.51 9.31
C THR A 296 -0.99 -13.83 9.99
N ASP A 297 -1.11 -14.88 9.18
CA ASP A 297 -1.36 -16.21 9.72
C ASP A 297 0.04 -16.82 9.88
N SER A 298 0.15 -18.08 10.28
CA SER A 298 1.48 -18.67 10.47
C SER A 298 2.08 -19.24 9.19
N GLN A 299 3.40 -19.42 9.20
CA GLN A 299 4.07 -19.98 8.04
C GLN A 299 3.51 -21.35 7.73
N ALA A 300 3.22 -22.12 8.78
CA ALA A 300 2.66 -23.45 8.62
C ALA A 300 1.32 -23.30 7.91
N ASP A 301 0.57 -22.27 8.26
CA ASP A 301 -0.74 -22.04 7.63
C ASP A 301 -0.54 -21.76 6.14
N ASP A 302 0.49 -20.98 5.82
CA ASP A 302 0.78 -20.64 4.43
C ASP A 302 1.13 -21.87 3.61
N ILE A 303 2.02 -22.69 4.16
CA ILE A 303 2.43 -23.91 3.48
C ILE A 303 1.23 -24.81 3.32
N GLU A 304 0.35 -24.80 4.31
CA GLU A 304 -0.84 -25.63 4.27
C GLU A 304 -1.82 -25.15 3.19
N LYS A 305 -2.13 -23.85 3.14
CA LYS A 305 -3.07 -23.37 2.14
C LYS A 305 -2.42 -23.24 0.75
N GLY A 306 -1.10 -23.31 0.71
CA GLY A 306 -0.38 -23.26 -0.55
C GLY A 306 0.00 -21.92 -1.15
N TRP A 307 -0.24 -20.83 -0.42
CA TRP A 307 0.10 -19.51 -0.95
C TRP A 307 0.28 -18.50 0.16
N ALA A 308 0.91 -17.38 -0.18
CA ALA A 308 1.12 -16.33 0.79
C ALA A 308 1.37 -15.01 0.07
N GLY A 309 0.76 -13.95 0.59
CA GLY A 309 0.95 -12.64 0.01
C GLY A 309 -0.15 -12.18 -0.93
N LEU A 310 -0.54 -10.91 -0.76
CA LEU A 310 -1.55 -10.30 -1.61
C LEU A 310 -1.00 -8.95 -1.99
N GLN A 311 -1.65 -8.29 -2.93
CA GLN A 311 -1.28 -6.94 -3.32
C GLN A 311 -2.50 -6.15 -2.87
N SER A 312 -2.31 -4.90 -2.46
CA SER A 312 -3.44 -4.06 -2.08
C SER A 312 -4.16 -3.74 -3.40
N PHE A 313 -5.40 -3.30 -3.33
CA PHE A 313 -6.08 -2.94 -4.58
C PHE A 313 -5.42 -1.63 -5.01
N PRO A 314 -4.98 -1.54 -6.28
CA PRO A 314 -4.33 -0.30 -6.75
C PRO A 314 -5.09 0.98 -6.43
N ARG A 315 -4.39 1.97 -5.87
CA ARG A 315 -5.05 3.22 -5.57
C ARG A 315 -4.45 4.46 -6.21
N ALA A 316 -5.34 5.36 -6.63
CA ALA A 316 -4.92 6.62 -7.22
C ALA A 316 -4.30 7.37 -6.05
N LEU A 317 -3.33 8.22 -6.35
CA LEU A 317 -2.62 8.94 -5.31
C LEU A 317 -2.42 10.41 -5.66
N TRP A 318 -2.67 11.30 -4.70
CA TRP A 318 -2.47 12.73 -4.94
C TRP A 318 -2.27 13.47 -3.63
N ILE A 319 -1.90 14.75 -3.71
CA ILE A 319 -1.69 15.53 -2.49
C ILE A 319 -2.95 16.23 -2.05
N ASP A 320 -3.15 16.29 -0.75
CA ASP A 320 -4.33 16.93 -0.17
C ASP A 320 -4.34 18.44 -0.41
N ARG A 321 -5.53 19.02 -0.35
CA ARG A 321 -5.73 20.47 -0.52
C ARG A 321 -4.78 21.25 0.40
N ASN A 322 -4.65 20.80 1.65
CA ASN A 322 -3.78 21.46 2.63
C ASN A 322 -2.29 21.29 2.35
N GLY A 323 -1.96 20.43 1.39
CA GLY A 323 -0.57 20.20 1.03
C GLY A 323 0.33 19.53 2.07
N LYS A 324 -0.25 19.03 3.16
CA LYS A 324 0.55 18.42 4.22
C LYS A 324 0.58 16.89 4.23
N GLN A 325 -0.24 16.26 3.40
CA GLN A 325 -0.26 14.81 3.32
C GLN A 325 -0.82 14.33 2.00
N LEU A 326 -0.64 13.05 1.75
CA LEU A 326 -1.11 12.40 0.53
C LEU A 326 -2.50 11.82 0.76
N ILE A 327 -3.25 11.67 -0.33
CA ILE A 327 -4.59 11.10 -0.30
C ILE A 327 -4.57 9.89 -1.22
N GLN A 328 -5.25 8.81 -0.81
CA GLN A 328 -5.32 7.58 -1.61
C GLN A 328 -6.77 7.14 -1.80
N TRP A 329 -7.06 6.50 -2.93
CA TRP A 329 -8.42 6.07 -3.22
C TRP A 329 -8.36 4.97 -4.28
N PRO A 330 -9.10 3.87 -4.08
CA PRO A 330 -9.04 2.82 -5.10
C PRO A 330 -9.37 3.33 -6.50
N VAL A 331 -8.61 2.90 -7.49
CA VAL A 331 -8.83 3.35 -8.86
C VAL A 331 -10.29 3.12 -9.26
N GLU A 332 -10.87 4.09 -9.96
CA GLU A 332 -12.26 4.03 -10.37
C GLU A 332 -12.69 2.75 -11.07
N GLU A 333 -11.77 2.10 -11.77
CA GLU A 333 -12.11 0.86 -12.46
C GLU A 333 -12.75 -0.18 -11.55
N ILE A 334 -12.50 -0.09 -10.24
CA ILE A 334 -13.08 -1.06 -9.32
C ILE A 334 -14.61 -0.97 -9.29
N GLU A 335 -15.13 0.20 -9.59
CA GLU A 335 -16.57 0.41 -9.57
C GLU A 335 -17.33 -0.51 -10.54
N GLU A 336 -16.64 -1.03 -11.54
CA GLU A 336 -17.27 -1.92 -12.52
C GLU A 336 -17.61 -3.28 -11.90
N LEU A 337 -17.03 -3.59 -10.75
CA LEU A 337 -17.29 -4.86 -10.09
C LEU A 337 -18.56 -4.83 -9.25
N ARG A 338 -19.07 -3.63 -9.00
CA ARG A 338 -20.28 -3.45 -8.20
C ARG A 338 -21.52 -4.08 -8.82
N GLN A 339 -22.23 -4.87 -8.03
CA GLN A 339 -23.44 -5.54 -8.47
C GLN A 339 -24.66 -4.84 -7.85
N ASN A 340 -25.37 -5.53 -6.96
CA ASN A 340 -26.54 -4.93 -6.31
C ASN A 340 -26.12 -3.98 -5.19
N GLN A 341 -26.95 -2.98 -4.94
CA GLN A 341 -26.64 -2.01 -3.91
C GLN A 341 -27.68 -1.99 -2.79
N VAL A 342 -27.21 -1.77 -1.57
CA VAL A 342 -28.08 -1.66 -0.40
C VAL A 342 -27.68 -0.32 0.21
N ASN A 343 -28.67 0.54 0.42
CA ASN A 343 -28.42 1.89 0.92
C ASN A 343 -29.23 2.23 2.18
N LEU A 344 -28.66 3.08 3.03
CA LEU A 344 -29.34 3.52 4.24
C LEU A 344 -29.15 5.03 4.36
N GLN A 345 -30.16 5.73 4.86
CA GLN A 345 -30.05 7.18 5.04
C GLN A 345 -30.81 7.65 6.26
N ASN A 346 -30.29 8.70 6.87
CA ASN A 346 -30.92 9.30 8.04
C ASN A 346 -31.31 8.25 9.09
N LYS A 347 -30.35 7.40 9.44
CA LYS A 347 -30.59 6.34 10.41
C LYS A 347 -29.79 6.54 11.71
N ASN A 348 -30.52 6.66 12.81
CA ASN A 348 -29.90 6.84 14.11
C ASN A 348 -29.38 5.55 14.68
N LEU A 349 -28.17 5.60 15.24
CA LEU A 349 -27.57 4.44 15.89
C LEU A 349 -27.51 4.79 17.36
N LYS A 350 -28.44 4.23 18.13
CA LYS A 350 -28.49 4.50 19.56
C LYS A 350 -27.30 3.84 20.24
N PRO A 351 -26.95 4.29 21.44
CA PRO A 351 -25.83 3.74 22.22
C PRO A 351 -25.89 2.22 22.41
N GLY A 352 -24.77 1.56 22.13
CA GLY A 352 -24.70 0.12 22.29
C GLY A 352 -25.49 -0.69 21.27
N SER A 353 -25.84 -0.09 20.14
CA SER A 353 -26.61 -0.81 19.13
C SER A 353 -25.78 -1.43 18.02
N VAL A 354 -26.36 -2.43 17.37
CA VAL A 354 -25.73 -3.14 16.26
C VAL A 354 -26.79 -3.31 15.18
N LEU A 355 -26.53 -2.78 13.99
CA LEU A 355 -27.47 -2.85 12.89
C LEU A 355 -26.90 -3.70 11.74
N GLU A 356 -27.55 -4.81 11.43
CA GLU A 356 -27.06 -5.68 10.37
C GLU A 356 -27.49 -5.21 8.98
N ILE A 357 -26.57 -5.29 8.03
CA ILE A 357 -26.82 -4.91 6.65
C ILE A 357 -27.11 -6.20 5.88
N HIS A 358 -28.37 -6.37 5.50
CA HIS A 358 -28.80 -7.56 4.76
C HIS A 358 -28.72 -7.37 3.24
N GLY A 359 -28.65 -8.50 2.52
CA GLY A 359 -28.62 -8.44 1.07
C GLY A 359 -27.30 -8.21 0.37
N ILE A 360 -26.21 -8.16 1.11
CA ILE A 360 -24.89 -7.94 0.53
C ILE A 360 -24.00 -9.17 0.65
N ALA A 361 -23.14 -9.39 -0.33
CA ALA A 361 -22.19 -10.51 -0.26
C ALA A 361 -21.16 -9.97 0.75
N ALA A 362 -21.35 -10.28 2.02
CA ALA A 362 -20.51 -9.76 3.10
C ALA A 362 -19.00 -10.07 3.08
N SER A 363 -18.57 -11.04 2.28
CA SER A 363 -17.15 -11.39 2.20
C SER A 363 -16.47 -10.70 1.02
N GLN A 364 -17.25 -10.08 0.14
CA GLN A 364 -16.72 -9.44 -1.05
C GLN A 364 -17.60 -8.24 -1.35
N ALA A 365 -17.29 -7.12 -0.69
CA ALA A 365 -18.10 -5.93 -0.84
C ALA A 365 -17.32 -4.64 -0.75
N ASP A 366 -17.99 -3.56 -1.16
CA ASP A 366 -17.45 -2.21 -1.15
C ASP A 366 -18.47 -1.41 -0.34
N VAL A 367 -18.09 -1.03 0.87
CA VAL A 367 -19.00 -0.33 1.76
C VAL A 367 -18.54 1.07 2.15
N THR A 368 -19.44 2.04 2.01
CA THR A 368 -19.13 3.42 2.36
C THR A 368 -20.18 3.89 3.35
N ILE A 369 -19.75 4.63 4.36
CA ILE A 369 -20.68 5.14 5.35
C ILE A 369 -20.24 6.50 5.84
N SER A 370 -21.20 7.35 6.18
CA SER A 370 -20.89 8.69 6.63
C SER A 370 -21.67 8.95 7.92
N PHE A 371 -20.95 9.37 8.96
CA PHE A 371 -21.55 9.63 10.27
C PHE A 371 -21.71 11.11 10.58
N LYS A 372 -22.89 11.49 11.06
CA LYS A 372 -23.18 12.87 11.46
C LYS A 372 -23.21 12.81 12.98
N LEU A 373 -22.38 13.63 13.62
CA LEU A 373 -22.30 13.62 15.08
C LEU A 373 -23.11 14.70 15.78
N GLU A 374 -23.53 14.36 16.99
CA GLU A 374 -24.31 15.27 17.83
C GLU A 374 -23.66 15.31 19.21
N GLY A 375 -23.66 16.48 19.83
CA GLY A 375 -23.07 16.62 21.15
C GLY A 375 -21.58 16.40 21.20
N LEU A 376 -20.85 17.12 20.34
CA LEU A 376 -19.40 17.02 20.30
C LEU A 376 -18.80 17.42 21.63
N LYS A 377 -19.40 18.41 22.28
CA LYS A 377 -18.92 18.91 23.57
C LYS A 377 -18.80 17.78 24.57
N GLU A 378 -19.47 16.67 24.31
CA GLU A 378 -19.42 15.51 25.22
C GLU A 378 -18.20 14.62 24.99
N ALA A 379 -17.41 14.93 23.98
CA ALA A 379 -16.23 14.14 23.67
C ALA A 379 -15.31 14.00 24.87
N GLU A 380 -14.83 12.78 25.10
CA GLU A 380 -13.90 12.49 26.19
C GLU A 380 -12.71 13.43 26.09
N VAL A 381 -12.28 13.96 27.24
CA VAL A 381 -11.13 14.85 27.24
C VAL A 381 -9.85 14.03 27.19
N LEU A 382 -9.08 14.20 26.13
CA LEU A 382 -7.83 13.48 25.97
C LEU A 382 -6.93 14.22 25.01
N ASP A 383 -5.83 14.77 25.52
CA ASP A 383 -4.89 15.48 24.66
C ASP A 383 -4.19 14.34 23.92
N THR A 384 -4.07 14.45 22.60
CA THR A 384 -3.44 13.38 21.82
C THR A 384 -2.16 13.79 21.13
N THR A 385 -1.52 14.84 21.65
CA THR A 385 -0.28 15.34 21.09
C THR A 385 0.83 14.29 20.90
N LEU A 386 1.08 13.48 21.93
CA LEU A 386 2.13 12.48 21.84
C LEU A 386 1.58 11.05 21.87
N VAL A 387 0.27 10.92 21.88
CA VAL A 387 -0.36 9.60 21.92
C VAL A 387 -0.09 8.75 20.69
N ASP A 388 0.19 7.47 20.91
CA ASP A 388 0.41 6.53 19.81
C ASP A 388 -0.96 5.97 19.48
N PRO A 389 -1.52 6.37 18.33
CA PRO A 389 -2.84 5.89 17.93
C PRO A 389 -2.98 4.36 17.88
N GLN A 390 -1.95 3.65 17.47
CA GLN A 390 -2.05 2.21 17.41
C GLN A 390 -2.14 1.64 18.83
N ALA A 391 -1.33 2.16 19.73
CA ALA A 391 -1.33 1.72 21.12
C ALA A 391 -2.72 1.93 21.70
N LEU A 392 -3.29 3.10 21.43
CA LEU A 392 -4.61 3.44 21.92
C LEU A 392 -5.69 2.49 21.39
N CYS A 393 -5.61 2.10 20.12
CA CYS A 393 -6.63 1.19 19.58
C CYS A 393 -6.49 -0.20 20.15
N ASN A 394 -5.26 -0.61 20.43
CA ASN A 394 -5.04 -1.93 21.00
C ASN A 394 -5.48 -1.94 22.46
N GLU A 395 -5.43 -0.79 23.11
CA GLU A 395 -5.85 -0.68 24.49
C GLU A 395 -7.38 -0.57 24.58
N ARG A 396 -7.98 0.15 23.63
CA ARG A 396 -9.44 0.33 23.63
C ARG A 396 -10.11 -0.13 22.35
N GLY A 397 -10.49 -1.40 22.31
CA GLY A 397 -11.14 -1.94 21.13
C GLY A 397 -12.63 -1.60 21.12
N ALA A 398 -13.37 -2.30 20.26
CA ALA A 398 -14.81 -2.08 20.12
C ALA A 398 -15.57 -2.29 21.42
N SER A 399 -15.00 -3.07 22.33
CA SER A 399 -15.64 -3.36 23.61
C SER A 399 -15.42 -2.26 24.65
N SER A 400 -14.47 -1.37 24.39
CA SER A 400 -14.20 -0.26 25.32
C SER A 400 -15.12 0.90 24.93
N ARG A 401 -16.17 1.11 25.72
CA ARG A 401 -17.15 2.15 25.42
C ARG A 401 -16.77 3.58 25.80
N GLY A 402 -16.87 4.50 24.84
CA GLY A 402 -16.56 5.89 25.11
C GLY A 402 -17.81 6.75 24.98
N ALA A 403 -17.64 8.06 24.88
CA ALA A 403 -18.77 8.96 24.71
C ALA A 403 -19.04 8.95 23.21
N LEU A 404 -18.10 9.51 22.45
CA LEU A 404 -18.18 9.54 20.99
C LEU A 404 -17.29 8.40 20.48
N GLY A 405 -17.90 7.24 20.26
CA GLY A 405 -17.14 6.10 19.80
C GLY A 405 -17.13 5.00 20.86
N PRO A 406 -16.88 3.75 20.47
CA PRO A 406 -16.59 3.38 19.09
C PRO A 406 -17.82 3.23 18.20
N PHE A 407 -17.78 3.82 17.02
CA PHE A 407 -18.88 3.68 16.07
C PHE A 407 -18.25 3.45 14.72
N GLY A 408 -18.79 2.47 14.00
CA GLY A 408 -18.24 2.17 12.70
C GLY A 408 -18.85 0.92 12.10
N LEU A 409 -17.98 0.08 11.59
CA LEU A 409 -18.41 -1.13 10.91
C LEU A 409 -17.87 -2.43 11.51
N LEU A 410 -18.64 -3.50 11.38
CA LEU A 410 -18.21 -4.82 11.83
C LEU A 410 -18.17 -5.63 10.54
N ALA A 411 -16.97 -5.91 10.05
CA ALA A 411 -16.80 -6.66 8.81
C ALA A 411 -16.31 -8.08 9.06
N MET A 412 -16.45 -8.96 8.06
CA MET A 412 -16.04 -10.36 8.20
C MET A 412 -16.46 -10.87 9.58
N ALA A 413 -17.72 -10.63 9.92
CA ALA A 413 -18.25 -11.06 11.20
C ALA A 413 -19.16 -12.28 11.09
N SER A 414 -19.14 -13.12 12.12
CA SER A 414 -20.00 -14.31 12.12
C SER A 414 -21.38 -13.83 12.58
N LYS A 415 -22.41 -14.61 12.28
CA LYS A 415 -23.77 -14.24 12.66
C LYS A 415 -23.92 -13.92 14.15
N ASP A 416 -23.27 -14.71 15.00
CA ASP A 416 -23.33 -14.53 16.44
C ASP A 416 -22.30 -13.52 16.97
N LEU A 417 -21.56 -12.89 16.06
CA LEU A 417 -20.53 -11.93 16.44
C LEU A 417 -19.43 -12.52 17.31
N LYS A 418 -19.26 -13.83 17.23
CA LYS A 418 -18.23 -14.52 18.01
C LYS A 418 -16.89 -14.10 17.40
N GLU A 419 -16.92 -13.77 16.11
CA GLU A 419 -15.73 -13.30 15.40
C GLU A 419 -16.14 -12.05 14.62
N GLN A 420 -15.30 -11.02 14.67
CA GLN A 420 -15.59 -9.77 13.99
C GLN A 420 -14.35 -8.90 13.85
N SER A 421 -14.36 -8.04 12.84
CA SER A 421 -13.27 -7.11 12.62
C SER A 421 -13.99 -5.78 12.67
N ALA A 422 -13.64 -4.96 13.66
CA ALA A 422 -14.29 -3.68 13.85
C ALA A 422 -13.48 -2.48 13.38
N ILE A 423 -14.01 -1.76 12.38
CA ILE A 423 -13.34 -0.56 11.87
C ILE A 423 -14.21 0.58 12.39
N PHE A 424 -13.65 1.42 13.25
CA PHE A 424 -14.42 2.48 13.85
C PHE A 424 -13.64 3.74 14.19
N PHE A 425 -14.37 4.74 14.68
CA PHE A 425 -13.80 6.01 15.06
C PHE A 425 -14.13 6.34 16.51
N ARG A 426 -13.37 7.27 17.08
CA ARG A 426 -13.58 7.76 18.44
C ARG A 426 -13.27 9.24 18.28
N VAL A 427 -13.96 10.09 19.03
CA VAL A 427 -13.70 11.52 18.96
C VAL A 427 -13.30 12.01 20.35
N PHE A 428 -12.18 12.73 20.41
CA PHE A 428 -11.69 13.27 21.67
C PHE A 428 -11.52 14.78 21.52
N GLN A 429 -11.27 15.44 22.64
CA GLN A 429 -11.02 16.88 22.64
C GLN A 429 -9.93 17.13 23.69
N ASN A 430 -9.09 18.14 23.46
CA ASN A 430 -8.06 18.45 24.44
C ASN A 430 -8.69 19.42 25.45
N GLN A 431 -7.89 19.94 26.36
CA GLN A 431 -8.40 20.84 27.37
C GLN A 431 -8.94 22.15 26.78
N LEU A 432 -8.37 22.59 25.66
CA LEU A 432 -8.80 23.83 25.03
C LEU A 432 -10.04 23.67 24.15
N GLY A 433 -10.60 22.46 24.09
CA GLY A 433 -11.78 22.26 23.28
C GLY A 433 -11.53 21.90 21.82
N ARG A 434 -10.28 21.58 21.49
CA ARG A 434 -9.93 21.21 20.12
C ARG A 434 -10.18 19.71 19.96
N TYR A 435 -10.88 19.33 18.89
CA TYR A 435 -11.21 17.93 18.66
C TYR A 435 -10.21 17.18 17.79
N SER A 436 -10.05 15.89 18.08
CA SER A 436 -9.18 15.02 17.31
C SER A 436 -10.01 13.77 16.99
N VAL A 437 -9.70 13.11 15.89
CA VAL A 437 -10.42 11.92 15.46
C VAL A 437 -9.49 10.73 15.32
N LEU A 438 -9.85 9.63 15.97
CA LEU A 438 -9.06 8.40 15.92
C LEU A 438 -9.78 7.35 15.08
N MET A 439 -9.05 6.75 14.13
CA MET A 439 -9.62 5.70 13.28
C MET A 439 -8.94 4.39 13.69
N CYS A 440 -9.74 3.36 13.94
CA CYS A 440 -9.21 2.08 14.38
C CYS A 440 -9.67 0.87 13.60
N SER A 441 -8.77 -0.10 13.49
CA SER A 441 -9.07 -1.39 12.89
C SER A 441 -8.78 -2.35 14.03
N ASP A 442 -9.82 -2.65 14.81
CA ASP A 442 -9.69 -3.54 15.95
C ASP A 442 -9.83 -4.98 15.44
N LEU A 443 -8.72 -5.70 15.46
CA LEU A 443 -8.69 -7.08 14.99
C LEU A 443 -8.60 -8.09 16.13
N SER A 444 -8.66 -7.59 17.37
CA SER A 444 -8.54 -8.44 18.55
C SER A 444 -9.47 -9.65 18.54
N ARG A 445 -10.65 -9.50 17.95
CA ARG A 445 -11.60 -10.61 17.90
C ARG A 445 -11.91 -11.06 16.49
N SER A 446 -11.02 -10.76 15.56
CA SER A 446 -11.24 -11.13 14.16
C SER A 446 -11.23 -12.64 13.97
N THR A 447 -10.64 -13.37 14.90
CA THR A 447 -10.60 -14.83 14.77
C THR A 447 -10.44 -15.53 16.11
N VAL A 448 -10.95 -16.77 16.20
CA VAL A 448 -10.82 -17.56 17.42
C VAL A 448 -9.63 -18.49 17.23
N ARG A 449 -9.02 -18.44 16.05
CA ARG A 449 -7.87 -19.27 15.74
C ARG A 449 -6.60 -18.87 16.49
N SER A 450 -5.72 -19.85 16.72
CA SER A 450 -4.46 -19.63 17.41
C SER A 450 -3.38 -19.35 16.36
N ASN A 451 -2.29 -18.74 16.80
CA ASN A 451 -1.17 -18.44 15.90
C ASN A 451 -1.50 -17.48 14.77
N ILE A 452 -2.38 -16.53 15.03
CA ILE A 452 -2.75 -15.53 14.06
C ILE A 452 -2.39 -14.19 14.70
N ASP A 453 -1.68 -13.34 13.96
CA ASP A 453 -1.32 -12.03 14.50
C ASP A 453 -2.55 -11.15 14.42
N THR A 454 -3.21 -10.97 15.55
CA THR A 454 -4.41 -10.16 15.62
C THR A 454 -4.19 -8.76 16.16
N THR A 455 -2.97 -8.24 16.01
CA THR A 455 -2.63 -6.89 16.45
C THR A 455 -3.59 -5.91 15.76
N SER A 456 -4.01 -4.87 16.47
CA SER A 456 -4.90 -3.86 15.91
C SER A 456 -4.11 -2.67 15.39
N TYR A 457 -4.72 -1.89 14.51
CA TYR A 457 -4.07 -0.73 13.92
C TYR A 457 -4.92 0.52 14.09
N GLY A 458 -4.26 1.67 14.16
CA GLY A 458 -5.01 2.90 14.32
C GLY A 458 -4.20 4.10 13.87
N ALA A 459 -4.89 5.21 13.65
CA ALA A 459 -4.24 6.45 13.23
C ALA A 459 -5.20 7.59 13.43
N PHE A 460 -4.67 8.80 13.62
CA PHE A 460 -5.51 9.97 13.80
C PHE A 460 -5.89 10.50 12.43
N VAL A 461 -7.12 10.98 12.28
CA VAL A 461 -7.60 11.50 11.01
C VAL A 461 -7.61 13.03 11.08
N ASP A 462 -6.97 13.67 10.11
CA ASP A 462 -6.91 15.13 10.10
C ASP A 462 -8.14 15.81 9.50
N ILE A 463 -9.22 15.83 10.27
CA ILE A 463 -10.46 16.48 9.86
C ILE A 463 -11.03 17.22 11.06
N ASP A 464 -11.95 18.15 10.79
CA ASP A 464 -12.60 18.93 11.83
C ASP A 464 -14.02 18.39 11.97
N PRO A 465 -14.28 17.62 13.05
CA PRO A 465 -15.59 17.01 13.32
C PRO A 465 -16.74 18.01 13.41
N ARG A 466 -16.40 19.27 13.67
CA ARG A 466 -17.41 20.32 13.79
C ARG A 466 -18.08 20.65 12.46
N SER A 467 -17.28 20.66 11.39
CA SER A 467 -17.82 21.02 10.08
C SER A 467 -17.91 19.90 9.06
N GLU A 468 -17.27 18.76 9.31
CA GLU A 468 -17.36 17.66 8.34
C GLU A 468 -17.70 16.32 8.97
N GLU A 469 -18.62 15.60 8.33
CA GLU A 469 -19.02 14.29 8.81
C GLU A 469 -17.83 13.35 8.67
N ILE A 470 -17.80 12.30 9.46
CA ILE A 470 -16.71 11.35 9.43
C ILE A 470 -17.08 10.22 8.48
N SER A 471 -16.38 10.11 7.37
CA SER A 471 -16.69 9.07 6.40
C SER A 471 -15.69 7.92 6.37
N LEU A 472 -16.19 6.75 6.02
CA LEU A 472 -15.39 5.55 5.97
C LEU A 472 -15.79 4.63 4.82
N ARG A 473 -14.80 4.21 4.03
CA ARG A 473 -15.03 3.29 2.93
C ARG A 473 -14.23 2.03 3.21
N ASN A 474 -14.86 0.87 3.04
CA ASN A 474 -14.20 -0.39 3.28
C ASN A 474 -14.29 -1.33 2.09
N LEU A 475 -13.14 -1.87 1.72
CA LEU A 475 -13.05 -2.84 0.63
C LEU A 475 -12.92 -4.15 1.39
N ILE A 476 -13.99 -4.95 1.37
CA ILE A 476 -13.97 -6.23 2.06
C ILE A 476 -13.76 -7.35 1.05
N ASP A 477 -12.70 -8.13 1.24
CA ASP A 477 -12.41 -9.21 0.30
C ASP A 477 -11.79 -10.42 0.99
N HIS A 478 -12.63 -11.19 1.68
CA HIS A 478 -12.23 -12.40 2.40
C HIS A 478 -11.18 -12.21 3.48
N SER A 479 -9.90 -12.41 3.17
CA SER A 479 -8.87 -12.27 4.20
C SER A 479 -8.19 -10.91 4.23
N ILE A 480 -8.72 -9.96 3.48
CA ILE A 480 -8.17 -8.61 3.49
C ILE A 480 -9.29 -7.57 3.58
N ILE A 481 -9.04 -6.50 4.30
CA ILE A 481 -9.98 -5.40 4.44
C ILE A 481 -9.18 -4.11 4.31
N GLU A 482 -9.54 -3.26 3.36
CA GLU A 482 -8.84 -1.99 3.18
C GLU A 482 -9.82 -0.89 3.59
N SER A 483 -9.42 -0.13 4.62
CA SER A 483 -10.25 0.93 5.15
C SER A 483 -9.70 2.31 4.82
N PHE A 484 -10.57 3.16 4.30
CA PHE A 484 -10.21 4.52 3.91
C PHE A 484 -11.06 5.49 4.70
N GLY A 485 -10.43 6.23 5.61
CA GLY A 485 -11.17 7.19 6.39
C GLY A 485 -11.08 8.57 5.78
N ALA A 486 -12.16 9.34 5.93
CA ALA A 486 -12.22 10.71 5.42
C ALA A 486 -11.73 10.89 3.98
N GLY A 487 -12.29 10.10 3.07
CA GLY A 487 -11.94 10.21 1.66
C GLY A 487 -10.53 9.81 1.27
N GLY A 488 -9.87 9.00 2.09
CA GLY A 488 -8.53 8.59 1.75
C GLY A 488 -7.46 9.29 2.56
N LYS A 489 -7.87 10.12 3.52
CA LYS A 489 -6.88 10.81 4.34
C LYS A 489 -6.16 9.83 5.25
N THR A 490 -6.85 8.77 5.67
CA THR A 490 -6.27 7.78 6.56
C THR A 490 -6.61 6.37 6.10
N CYS A 491 -5.60 5.61 5.69
CA CYS A 491 -5.82 4.27 5.20
C CYS A 491 -5.22 3.21 6.11
N ILE A 492 -5.96 2.12 6.31
CA ILE A 492 -5.50 1.02 7.15
C ILE A 492 -5.88 -0.30 6.50
N THR A 493 -4.88 -1.11 6.18
CA THR A 493 -5.12 -2.41 5.56
C THR A 493 -5.01 -3.50 6.61
N SER A 494 -6.02 -4.36 6.68
CA SER A 494 -6.04 -5.45 7.65
C SER A 494 -6.14 -6.82 7.00
N ARG A 495 -5.46 -7.80 7.61
CA ARG A 495 -5.54 -9.19 7.16
C ARG A 495 -6.20 -9.92 8.32
N ILE A 496 -7.29 -10.63 8.03
CA ILE A 496 -8.01 -11.37 9.05
C ILE A 496 -8.31 -12.79 8.59
N TYR A 497 -8.31 -13.73 9.52
CA TYR A 497 -8.56 -15.12 9.19
C TYR A 497 -9.58 -15.77 10.13
N PRO A 498 -10.84 -15.30 10.10
CA PRO A 498 -11.83 -15.91 10.99
C PRO A 498 -12.01 -17.38 10.64
N LYS A 499 -12.34 -18.18 11.64
CA LYS A 499 -12.54 -19.61 11.46
C LYS A 499 -13.87 -19.94 10.80
N PHE A 500 -14.91 -19.16 11.12
CA PHE A 500 -16.24 -19.42 10.58
C PHE A 500 -16.36 -19.47 9.06
N VAL A 501 -15.51 -18.72 8.35
CA VAL A 501 -15.59 -18.70 6.89
C VAL A 501 -15.44 -20.05 6.22
N ASN A 502 -14.99 -21.05 6.97
CA ASN A 502 -14.84 -22.38 6.40
C ASN A 502 -16.19 -23.05 6.18
N ASN A 503 -17.18 -22.74 7.01
CA ASN A 503 -18.48 -23.37 6.88
C ASN A 503 -19.70 -22.46 6.74
N GLU A 504 -19.61 -21.23 7.24
CA GLU A 504 -20.76 -20.34 7.14
C GLU A 504 -20.43 -19.00 6.47
N GLU A 505 -21.46 -18.27 6.08
CA GLU A 505 -21.28 -16.99 5.44
C GLU A 505 -20.98 -15.85 6.40
N ALA A 506 -20.29 -14.84 5.88
CA ALA A 506 -19.93 -13.68 6.66
C ALA A 506 -21.11 -12.74 6.74
N HIS A 507 -21.07 -11.84 7.71
CA HIS A 507 -22.12 -10.87 7.90
C HIS A 507 -21.49 -9.49 7.99
N LEU A 508 -22.30 -8.47 7.79
CA LEU A 508 -21.86 -7.09 7.82
C LEU A 508 -22.78 -6.30 8.74
N PHE A 509 -22.20 -5.50 9.63
CA PHE A 509 -22.99 -4.71 10.57
C PHE A 509 -22.44 -3.30 10.71
N VAL A 510 -23.29 -2.43 11.23
CA VAL A 510 -22.93 -1.05 11.53
C VAL A 510 -23.15 -1.02 13.04
N PHE A 511 -22.30 -0.35 13.80
CA PHE A 511 -22.50 -0.35 15.24
C PHE A 511 -22.05 0.95 15.91
N ASN A 512 -22.56 1.16 17.13
CA ASN A 512 -22.21 2.30 17.93
C ASN A 512 -22.16 1.84 19.38
N ASN A 513 -20.95 1.68 19.92
CA ASN A 513 -20.80 1.22 21.29
C ASN A 513 -20.47 2.38 22.22
N GLY A 514 -20.66 3.60 21.72
CA GLY A 514 -20.41 4.77 22.55
C GLY A 514 -21.64 5.02 23.41
N THR A 515 -21.58 6.03 24.27
CA THR A 515 -22.73 6.35 25.12
C THR A 515 -23.51 7.47 24.47
N GLN A 516 -22.92 8.10 23.47
CA GLN A 516 -23.58 9.18 22.74
C GLN A 516 -24.16 8.60 21.45
N ASN A 517 -25.23 9.23 20.99
CA ASN A 517 -25.91 8.83 19.78
C ASN A 517 -25.15 9.33 18.56
N VAL A 518 -25.17 8.55 17.48
CA VAL A 518 -24.54 8.96 16.22
C VAL A 518 -25.52 8.61 15.11
N LYS A 519 -25.49 9.36 14.02
CA LYS A 519 -26.39 9.11 12.92
C LYS A 519 -25.69 8.76 11.63
N ILE A 520 -26.25 7.80 10.90
CA ILE A 520 -25.72 7.41 9.61
C ILE A 520 -26.47 8.34 8.66
N SER A 521 -25.80 9.37 8.14
CA SER A 521 -26.49 10.26 7.23
C SER A 521 -26.70 9.46 5.94
N GLU A 522 -25.71 8.67 5.58
CA GLU A 522 -25.82 7.85 4.39
C GLU A 522 -24.83 6.70 4.37
N MET A 523 -25.28 5.57 3.85
CA MET A 523 -24.46 4.38 3.74
C MET A 523 -24.73 3.66 2.42
N SER A 524 -23.68 3.30 1.70
CA SER A 524 -23.83 2.57 0.45
C SER A 524 -22.98 1.32 0.47
N ALA A 525 -23.61 0.19 0.18
CA ALA A 525 -22.92 -1.10 0.16
C ALA A 525 -23.20 -1.77 -1.17
N TRP A 526 -22.16 -2.34 -1.77
CA TRP A 526 -22.29 -3.05 -3.03
C TRP A 526 -21.65 -4.40 -2.92
N SER A 527 -22.30 -5.41 -3.49
CA SER A 527 -21.72 -6.74 -3.52
C SER A 527 -20.73 -6.59 -4.67
N MET A 528 -19.56 -7.19 -4.54
CA MET A 528 -18.55 -7.08 -5.59
C MET A 528 -18.34 -8.41 -6.30
N LYS A 529 -18.43 -8.41 -7.62
CA LYS A 529 -18.24 -9.66 -8.33
C LYS A 529 -16.74 -9.91 -8.43
N ASN A 530 -16.36 -11.14 -8.77
CA ASN A 530 -14.96 -11.51 -8.89
C ASN A 530 -14.28 -10.80 -10.05
N ALA A 531 -12.99 -10.54 -9.88
CA ALA A 531 -12.21 -9.95 -10.95
C ALA A 531 -11.82 -11.21 -11.75
N LYS A 532 -11.52 -11.09 -13.03
CA LYS A 532 -11.15 -12.25 -13.81
C LYS A 532 -9.64 -12.43 -13.83
N PHE A 533 -9.20 -13.66 -13.64
CA PHE A 533 -7.78 -14.01 -13.67
C PHE A 533 -7.61 -15.17 -14.63
N VAL A 534 -7.05 -14.86 -15.79
CA VAL A 534 -6.81 -15.85 -16.83
C VAL A 534 -5.34 -16.23 -16.85
N VAL A 535 -5.06 -17.51 -17.06
CA VAL A 535 -3.69 -17.96 -17.12
C VAL A 535 -3.27 -18.20 -18.57
N ASP A 536 -2.17 -17.57 -18.97
CA ASP A 536 -1.63 -17.72 -20.32
C ASP A 536 -0.14 -17.99 -20.15
N GLN A 537 0.19 -19.14 -19.58
CA GLN A 537 1.57 -19.52 -19.31
C GLN A 537 2.09 -20.73 -20.09
N SER A 538 3.14 -21.34 -19.54
CA SER A 538 3.80 -22.51 -20.12
C SER A 538 4.21 -22.30 -21.57
#